data_1BQP
#
_entry.id   1BQP
#
_cell.length_a   73.926
_cell.length_b   104.083
_cell.length_c   64.837
_cell.angle_alpha   90.00
_cell.angle_beta   90.00
_cell.angle_gamma   90.00
#
_symmetry.space_group_name_H-M   'P 21 21 21'
#
loop_
_entity.id
_entity.type
_entity.pdbx_description
1 polymer 'PROTEIN (LECTIN)'
2 polymer 'PROTEIN (LECTIN)'
3 non-polymer 'CALCIUM ION'
4 non-polymer 'MANGANESE (II) ION'
5 non-polymer alpha-D-mannopyranose
6 non-polymer beta-D-mannopyranose
7 water water
#
loop_
_entity_poly.entity_id
_entity_poly.type
_entity_poly.pdbx_seq_one_letter_code
_entity_poly.pdbx_strand_id
1 'polypeptide(L)'
;TETTSFLITKFSPDQQNLIFQGDGYTTKEKLTLTKAVKNTVGRALYSSPIHIWDRETGNVANFVTSFTFVINAPNSYNVA
DGFTFFIAPVDTKPQTGGGYLGVFNSAEYDKTTQTVAVEFDTFYNAAWDPSNRDRHIGIDVNSIKSVNTKSWKLQNGEEA
NVVIAFNAATNVLTVSLTYPN
;
A,C
2 'polypeptide(L)' VTSYTLSDVVSLKDVVPEWVRIGFSATTGAEYAAHEVLSWSFHSELS B,D
#
# COMPACT_ATOMS: atom_id res chain seq x y z
N THR A 1 10.25 11.11 7.35
CA THR A 1 9.81 10.89 5.96
C THR A 1 8.98 9.62 5.85
N GLU A 2 7.89 9.72 5.10
CA GLU A 2 7.02 8.59 4.86
C GLU A 2 6.72 8.67 3.39
N THR A 3 6.92 7.58 2.67
CA THR A 3 6.61 7.57 1.26
C THR A 3 5.78 6.34 0.95
N THR A 4 4.92 6.46 -0.04
CA THR A 4 4.09 5.36 -0.51
C THR A 4 4.19 5.42 -2.03
N SER A 5 4.51 4.29 -2.65
CA SER A 5 4.62 4.24 -4.09
C SER A 5 4.10 2.93 -4.58
N PHE A 6 3.61 2.94 -5.82
CA PHE A 6 3.13 1.73 -6.45
C PHE A 6 3.08 2.00 -7.94
N LEU A 7 3.11 0.92 -8.69
CA LEU A 7 3.06 0.97 -10.13
C LEU A 7 2.35 -0.29 -10.55
N ILE A 8 1.31 -0.14 -11.35
CA ILE A 8 0.57 -1.26 -11.87
C ILE A 8 0.51 -0.94 -13.37
N THR A 9 1.30 -1.64 -14.17
CA THR A 9 1.33 -1.35 -15.60
C THR A 9 0.28 -2.17 -16.34
N LYS A 10 -0.28 -3.16 -15.67
CA LYS A 10 -1.29 -4.01 -16.29
C LYS A 10 -2.08 -4.65 -15.17
N PHE A 11 -3.40 -4.42 -15.17
CA PHE A 11 -4.27 -4.98 -14.13
C PHE A 11 -4.48 -6.46 -14.35
N SER A 12 -4.83 -7.14 -13.27
CA SER A 12 -5.09 -8.58 -13.33
C SER A 12 -6.46 -8.83 -12.73
N PRO A 13 -7.10 -9.94 -13.12
CA PRO A 13 -8.44 -10.29 -12.61
C PRO A 13 -8.49 -10.28 -11.09
N ASP A 14 -7.38 -10.61 -10.45
CA ASP A 14 -7.33 -10.64 -9.00
C ASP A 14 -6.40 -9.53 -8.54
N GLN A 15 -6.94 -8.31 -8.48
CA GLN A 15 -6.15 -7.16 -8.10
C GLN A 15 -6.45 -6.88 -6.65
N GLN A 16 -5.72 -7.56 -5.78
CA GLN A 16 -5.96 -7.43 -4.35
C GLN A 16 -5.49 -6.17 -3.63
N ASN A 17 -4.65 -5.38 -4.28
CA ASN A 17 -4.23 -4.15 -3.64
C ASN A 17 -5.17 -2.99 -3.98
N LEU A 18 -6.36 -3.33 -4.44
CA LEU A 18 -7.36 -2.35 -4.81
C LEU A 18 -8.69 -2.65 -4.13
N ILE A 19 -9.44 -1.60 -3.81
CA ILE A 19 -10.75 -1.73 -3.19
C ILE A 19 -11.76 -1.31 -4.24
N PHE A 20 -12.72 -2.16 -4.55
CA PHE A 20 -13.73 -1.87 -5.56
C PHE A 20 -15.03 -1.46 -4.94
N GLN A 21 -15.73 -0.54 -5.59
CA GLN A 21 -17.02 -0.06 -5.11
C GLN A 21 -17.89 0.12 -6.35
N GLY A 22 -19.21 0.05 -6.17
CA GLY A 22 -20.10 0.17 -7.32
C GLY A 22 -19.83 -0.99 -8.26
N ASP A 23 -19.83 -0.73 -9.56
CA ASP A 23 -19.61 -1.74 -10.60
C ASP A 23 -18.14 -1.93 -11.00
N GLY A 24 -17.22 -1.35 -10.25
CA GLY A 24 -15.82 -1.47 -10.59
C GLY A 24 -15.31 -2.88 -10.45
N TYR A 25 -14.52 -3.33 -11.41
CA TYR A 25 -13.90 -4.65 -11.39
C TYR A 25 -12.71 -4.68 -12.34
N THR A 26 -11.83 -5.65 -12.19
CA THR A 26 -10.71 -5.73 -13.07
C THR A 26 -10.86 -6.96 -13.91
N THR A 27 -10.09 -6.99 -14.96
CA THR A 27 -10.07 -8.04 -15.92
C THR A 27 -8.59 -8.19 -16.30
N LYS A 28 -8.28 -9.03 -17.27
CA LYS A 28 -6.89 -9.17 -17.67
C LYS A 28 -6.58 -7.89 -18.45
N GLU A 29 -5.56 -7.17 -18.02
CA GLU A 29 -5.14 -5.92 -18.64
C GLU A 29 -5.85 -4.64 -18.20
N LYS A 30 -7.17 -4.64 -18.11
CA LYS A 30 -7.86 -3.40 -17.74
C LYS A 30 -8.71 -3.34 -16.47
N LEU A 31 -8.88 -2.12 -15.96
CA LEU A 31 -9.71 -1.85 -14.79
C LEU A 31 -10.95 -1.18 -15.33
N THR A 32 -12.11 -1.78 -15.11
CA THR A 32 -13.37 -1.23 -15.59
C THR A 32 -14.17 -0.56 -14.49
N LEU A 33 -14.41 0.74 -14.64
CA LEU A 33 -15.19 1.52 -13.68
C LEU A 33 -16.68 1.40 -14.00
N THR A 34 -17.05 1.58 -15.27
CA THR A 34 -18.43 1.39 -15.68
C THR A 34 -18.49 0.76 -17.05
N LYS A 35 -19.59 0.05 -17.29
CA LYS A 35 -19.87 -0.54 -18.58
C LYS A 35 -20.68 0.58 -19.28
N ALA A 36 -21.07 0.35 -20.54
CA ALA A 36 -21.85 1.35 -21.28
C ALA A 36 -23.31 1.08 -21.00
N VAL A 37 -23.73 1.37 -19.76
CA VAL A 37 -25.10 1.14 -19.32
C VAL A 37 -25.54 2.36 -18.53
N LYS A 38 -26.84 2.60 -18.51
CA LYS A 38 -27.37 3.75 -17.81
C LYS A 38 -27.21 3.67 -16.31
N ASN A 39 -27.25 4.83 -15.69
CA ASN A 39 -27.18 5.01 -14.25
C ASN A 39 -26.33 4.09 -13.38
N THR A 40 -25.03 3.99 -13.65
CA THR A 40 -24.16 3.19 -12.79
C THR A 40 -23.04 4.04 -12.23
N VAL A 41 -22.27 3.45 -11.34
CA VAL A 41 -21.15 4.13 -10.70
C VAL A 41 -20.17 3.00 -10.42
N GLY A 42 -18.88 3.30 -10.56
CA GLY A 42 -17.85 2.31 -10.29
C GLY A 42 -16.68 3.06 -9.73
N ARG A 43 -16.06 2.54 -8.68
CA ARG A 43 -14.91 3.22 -8.12
C ARG A 43 -13.90 2.16 -7.76
N ALA A 44 -12.66 2.59 -7.64
CA ALA A 44 -11.56 1.72 -7.28
C ALA A 44 -10.62 2.60 -6.47
N LEU A 45 -10.17 2.08 -5.32
CA LEU A 45 -9.27 2.81 -4.45
C LEU A 45 -8.02 1.98 -4.24
N TYR A 46 -6.90 2.63 -3.94
CA TYR A 46 -5.71 1.87 -3.63
C TYR A 46 -5.98 1.39 -2.18
N SER A 47 -5.64 0.15 -1.86
CA SER A 47 -5.92 -0.40 -0.52
C SER A 47 -5.34 0.31 0.68
N SER A 48 -4.09 0.73 0.58
CA SER A 48 -3.48 1.40 1.72
C SER A 48 -3.73 2.89 1.84
N PRO A 49 -4.06 3.36 3.06
CA PRO A 49 -4.30 4.79 3.30
C PRO A 49 -2.95 5.46 3.01
N ILE A 50 -2.98 6.75 2.72
CA ILE A 50 -1.77 7.47 2.37
C ILE A 50 -1.70 8.66 3.27
N HIS A 51 -0.52 8.88 3.85
CA HIS A 51 -0.30 10.00 4.74
C HIS A 51 0.00 11.20 3.87
N ILE A 52 -0.99 12.10 3.72
CA ILE A 52 -0.88 13.27 2.85
C ILE A 52 -0.35 14.55 3.53
N TRP A 53 -0.67 14.75 4.80
CA TRP A 53 -0.14 15.89 5.53
C TRP A 53 -0.11 15.51 6.99
N ASP A 54 0.62 16.27 7.79
CA ASP A 54 0.76 15.95 9.20
C ASP A 54 0.51 17.18 10.07
N ARG A 55 -0.46 17.08 10.97
CA ARG A 55 -0.81 18.18 11.85
C ARG A 55 0.36 18.60 12.75
N GLU A 56 1.14 17.61 13.20
CA GLU A 56 2.27 17.88 14.08
C GLU A 56 3.29 18.84 13.47
N THR A 57 3.73 18.54 12.25
CA THR A 57 4.71 19.38 11.57
C THR A 57 4.10 20.39 10.61
N GLY A 58 2.85 20.14 10.22
CA GLY A 58 2.20 21.01 9.27
C GLY A 58 2.70 20.78 7.84
N ASN A 59 3.54 19.75 7.65
CA ASN A 59 4.06 19.44 6.31
C ASN A 59 2.98 18.79 5.46
N VAL A 60 3.07 19.00 4.15
CA VAL A 60 2.14 18.41 3.19
C VAL A 60 2.99 17.63 2.20
N ALA A 61 2.45 16.53 1.71
CA ALA A 61 3.17 15.69 0.78
C ALA A 61 3.17 16.16 -0.68
N ASN A 62 4.29 15.89 -1.35
CA ASN A 62 4.43 16.16 -2.77
C ASN A 62 3.99 14.83 -3.34
N PHE A 63 3.18 14.82 -4.38
CA PHE A 63 2.81 13.54 -4.94
C PHE A 63 2.62 13.66 -6.42
N VAL A 64 2.66 12.52 -7.11
CA VAL A 64 2.46 12.49 -8.55
C VAL A 64 1.81 11.17 -8.90
N THR A 65 0.81 11.22 -9.77
CA THR A 65 0.14 10.00 -10.18
C THR A 65 0.03 10.06 -11.70
N SER A 66 0.13 8.90 -12.33
CA SER A 66 0.04 8.78 -13.78
C SER A 66 -0.85 7.60 -14.04
N PHE A 67 -1.71 7.73 -15.03
CA PHE A 67 -2.62 6.67 -15.40
C PHE A 67 -3.01 6.89 -16.85
N THR A 68 -3.52 5.84 -17.50
CA THR A 68 -3.95 5.93 -18.88
C THR A 68 -5.35 5.43 -18.81
N PHE A 69 -6.29 6.19 -19.34
CA PHE A 69 -7.68 5.75 -19.34
C PHE A 69 -8.27 5.83 -20.73
N VAL A 70 -9.39 5.17 -20.92
CA VAL A 70 -10.06 5.13 -22.20
C VAL A 70 -11.56 5.31 -21.94
N ILE A 71 -12.19 6.18 -22.73
CA ILE A 71 -13.63 6.34 -22.63
C ILE A 71 -14.14 5.76 -23.95
N ASN A 72 -15.10 4.84 -23.87
CA ASN A 72 -15.65 4.24 -25.07
C ASN A 72 -17.15 4.42 -25.04
N ALA A 73 -17.62 5.38 -25.80
CA ALA A 73 -19.03 5.66 -25.88
C ALA A 73 -19.65 4.99 -27.10
N PRO A 74 -20.72 4.20 -26.88
CA PRO A 74 -21.36 3.54 -28.01
C PRO A 74 -22.04 4.60 -28.92
N ASN A 75 -22.47 5.72 -28.33
CA ASN A 75 -23.02 6.84 -29.10
C ASN A 75 -21.98 7.93 -28.91
N SER A 76 -21.13 8.11 -29.92
CA SER A 76 -20.06 9.07 -29.84
C SER A 76 -20.45 10.52 -29.60
N TYR A 77 -21.73 10.83 -29.76
CA TYR A 77 -22.20 12.19 -29.59
C TYR A 77 -22.89 12.40 -28.25
N ASN A 78 -23.56 11.36 -27.76
CA ASN A 78 -24.24 11.43 -26.46
C ASN A 78 -23.41 10.68 -25.44
N VAL A 79 -22.51 11.40 -24.78
CA VAL A 79 -21.61 10.77 -23.82
C VAL A 79 -21.79 11.37 -22.43
N ALA A 80 -21.83 10.50 -21.42
CA ALA A 80 -21.95 10.91 -20.01
C ALA A 80 -21.39 9.77 -19.13
N ASP A 81 -20.91 10.08 -17.93
CA ASP A 81 -20.87 11.45 -17.39
C ASP A 81 -19.44 11.91 -17.21
N GLY A 82 -18.53 10.97 -17.04
CA GLY A 82 -17.14 11.33 -16.84
C GLY A 82 -16.41 10.42 -15.87
N PHE A 83 -15.14 10.74 -15.68
CA PHE A 83 -14.20 9.97 -14.87
C PHE A 83 -13.42 10.97 -13.99
N THR A 84 -13.03 10.55 -12.79
CA THR A 84 -12.26 11.42 -11.90
C THR A 84 -11.16 10.68 -11.13
N PHE A 85 -10.14 11.41 -10.70
CA PHE A 85 -9.10 10.86 -9.85
C PHE A 85 -9.43 11.64 -8.58
N PHE A 86 -9.58 10.97 -7.45
CA PHE A 86 -9.92 11.71 -6.24
C PHE A 86 -9.11 11.32 -5.03
N ILE A 87 -9.13 12.21 -4.05
CA ILE A 87 -8.44 12.06 -2.79
C ILE A 87 -9.55 12.36 -1.77
N ALA A 88 -9.93 11.34 -1.00
CA ALA A 88 -11.00 11.46 -0.02
C ALA A 88 -10.60 10.80 1.31
N PRO A 89 -11.46 10.92 2.35
CA PRO A 89 -11.18 10.31 3.66
C PRO A 89 -11.01 8.78 3.52
N VAL A 90 -10.39 8.13 4.50
CA VAL A 90 -10.16 6.69 4.37
C VAL A 90 -11.43 5.88 4.25
N ASP A 91 -12.53 6.37 4.82
CA ASP A 91 -13.79 5.65 4.76
C ASP A 91 -14.66 6.06 3.58
N THR A 92 -14.07 6.68 2.57
CA THR A 92 -14.86 7.14 1.42
C THR A 92 -15.70 6.03 0.78
N LYS A 93 -16.91 6.42 0.39
CA LYS A 93 -17.86 5.51 -0.25
C LYS A 93 -18.49 6.28 -1.41
N PRO A 94 -19.08 5.58 -2.40
CA PRO A 94 -19.71 6.28 -3.54
C PRO A 94 -20.68 7.34 -3.09
N GLN A 95 -20.69 8.47 -3.76
CA GLN A 95 -21.62 9.52 -3.41
C GLN A 95 -22.68 9.55 -4.52
N THR A 96 -23.31 10.70 -4.77
CA THR A 96 -24.35 10.79 -5.80
C THR A 96 -23.79 10.45 -7.19
N GLY A 97 -24.56 9.69 -7.95
CA GLY A 97 -24.15 9.30 -9.28
C GLY A 97 -24.48 10.31 -10.35
N GLY A 98 -24.50 9.85 -11.59
CA GLY A 98 -24.80 10.73 -12.71
C GLY A 98 -23.81 11.88 -12.78
N GLY A 99 -24.34 13.09 -12.89
CA GLY A 99 -23.50 14.26 -13.00
C GLY A 99 -22.60 14.55 -11.83
N TYR A 100 -22.87 13.91 -10.68
CA TYR A 100 -22.08 14.13 -9.49
C TYR A 100 -20.80 13.32 -9.45
N LEU A 101 -20.65 12.45 -10.43
CA LEU A 101 -19.48 11.60 -10.65
C LEU A 101 -19.14 10.60 -9.54
N GLY A 102 -20.09 10.37 -8.64
CA GLY A 102 -19.90 9.45 -7.54
C GLY A 102 -18.99 9.96 -6.45
N VAL A 103 -18.62 11.23 -6.52
CA VAL A 103 -17.74 11.83 -5.52
C VAL A 103 -18.35 13.03 -4.80
N PHE A 104 -19.40 13.63 -5.35
CA PHE A 104 -20.01 14.77 -4.68
C PHE A 104 -21.53 14.66 -4.58
N ASN A 105 -22.14 15.55 -3.80
CA ASN A 105 -23.61 15.55 -3.61
C ASN A 105 -24.33 16.87 -3.88
N SER A 106 -23.57 17.92 -4.20
CA SER A 106 -24.17 19.22 -4.51
C SER A 106 -23.14 20.12 -5.16
N ALA A 107 -23.62 21.23 -5.69
CA ALA A 107 -22.79 22.23 -6.36
C ALA A 107 -22.31 23.27 -5.37
N GLU A 108 -22.82 23.22 -4.13
CA GLU A 108 -22.38 24.15 -3.09
C GLU A 108 -21.16 23.54 -2.40
N TYR A 109 -20.40 24.36 -1.71
CA TYR A 109 -19.20 23.89 -1.05
C TYR A 109 -19.57 23.16 0.22
N ASP A 110 -19.18 21.89 0.30
CA ASP A 110 -19.46 21.10 1.49
C ASP A 110 -18.16 20.61 2.10
N LYS A 111 -17.74 21.26 3.18
CA LYS A 111 -16.50 20.92 3.86
C LYS A 111 -16.49 19.51 4.44
N THR A 112 -17.68 18.97 4.72
CA THR A 112 -17.77 17.62 5.28
C THR A 112 -17.47 16.56 4.23
N THR A 113 -17.44 16.94 2.96
CA THR A 113 -17.13 15.99 1.92
C THR A 113 -15.62 15.65 1.96
N GLN A 114 -14.77 16.64 2.23
CA GLN A 114 -13.31 16.44 2.33
C GLN A 114 -12.71 15.65 1.16
N THR A 115 -13.08 16.04 -0.05
CA THR A 115 -12.62 15.37 -1.25
C THR A 115 -12.15 16.37 -2.28
N VAL A 116 -11.02 16.04 -2.90
CA VAL A 116 -10.48 16.85 -3.99
C VAL A 116 -10.48 15.84 -5.14
N ALA A 117 -11.01 16.24 -6.28
CA ALA A 117 -11.06 15.36 -7.42
C ALA A 117 -10.64 16.13 -8.65
N VAL A 118 -10.14 15.43 -9.65
CA VAL A 118 -9.77 16.04 -10.91
C VAL A 118 -10.71 15.31 -11.86
N GLU A 119 -11.63 16.05 -12.44
CA GLU A 119 -12.61 15.44 -13.34
C GLU A 119 -12.30 15.57 -14.80
N PHE A 120 -12.83 14.62 -15.56
CA PHE A 120 -12.75 14.51 -17.01
C PHE A 120 -14.24 14.34 -17.31
N ASP A 121 -14.91 15.49 -17.41
CA ASP A 121 -16.34 15.62 -17.61
C ASP A 121 -16.76 15.62 -19.07
N THR A 122 -17.59 14.65 -19.43
CA THR A 122 -18.08 14.47 -20.77
C THR A 122 -19.52 14.92 -21.04
N PHE A 123 -20.22 15.41 -20.01
CA PHE A 123 -21.60 15.81 -20.19
C PHE A 123 -21.89 17.15 -19.52
N TYR A 124 -22.59 18.02 -20.23
CA TYR A 124 -22.94 19.35 -19.74
C TYR A 124 -24.14 19.36 -18.79
N ASN A 125 -23.89 19.69 -17.53
CA ASN A 125 -24.95 19.76 -16.54
C ASN A 125 -25.14 21.26 -16.37
N ALA A 126 -26.25 21.77 -16.88
CA ALA A 126 -26.57 23.20 -16.87
C ALA A 126 -26.46 23.84 -15.50
N ALA A 127 -26.91 23.13 -14.48
CA ALA A 127 -26.88 23.65 -13.14
C ALA A 127 -25.52 24.12 -12.62
N TRP A 128 -24.41 23.57 -13.15
CA TRP A 128 -23.07 23.97 -12.66
C TRP A 128 -21.88 23.97 -13.61
N ASP A 129 -21.98 23.20 -14.69
CA ASP A 129 -20.89 23.09 -15.65
C ASP A 129 -20.66 24.36 -16.48
N PRO A 130 -19.49 24.49 -17.13
CA PRO A 130 -19.20 25.68 -17.95
C PRO A 130 -20.24 25.91 -19.05
N SER A 131 -20.68 27.17 -19.16
CA SER A 131 -21.69 27.64 -20.13
C SER A 131 -21.35 27.35 -21.60
N ASN A 132 -20.06 27.32 -21.92
CA ASN A 132 -19.62 27.03 -23.29
C ASN A 132 -20.06 25.65 -23.70
N ARG A 133 -20.51 24.88 -22.72
CA ARG A 133 -21.02 23.52 -22.91
C ARG A 133 -19.96 22.52 -23.35
N ASP A 134 -18.69 22.92 -23.32
CA ASP A 134 -17.61 22.03 -23.72
C ASP A 134 -17.33 20.95 -22.70
N ARG A 135 -16.79 19.82 -23.18
CA ARG A 135 -16.38 18.70 -22.34
C ARG A 135 -15.12 19.27 -21.74
N HIS A 136 -14.77 18.85 -20.52
CA HIS A 136 -13.63 19.47 -19.89
C HIS A 136 -12.94 18.72 -18.75
N ILE A 137 -11.75 19.22 -18.43
CA ILE A 137 -10.95 18.74 -17.33
C ILE A 137 -11.29 19.78 -16.26
N GLY A 138 -11.45 19.34 -15.02
CA GLY A 138 -11.74 20.29 -13.97
C GLY A 138 -11.15 19.90 -12.63
N ILE A 139 -10.86 20.90 -11.80
CA ILE A 139 -10.34 20.65 -10.46
C ILE A 139 -11.51 20.91 -9.51
N ASP A 140 -11.94 19.89 -8.79
CA ASP A 140 -13.06 19.97 -7.86
C ASP A 140 -12.63 19.91 -6.41
N VAL A 141 -13.09 20.86 -5.61
CA VAL A 141 -12.78 20.88 -4.19
C VAL A 141 -14.08 20.94 -3.38
N ASN A 142 -14.49 19.79 -2.81
CA ASN A 142 -15.71 19.74 -2.00
C ASN A 142 -16.97 20.18 -2.72
N SER A 143 -16.97 20.09 -4.04
CA SER A 143 -18.12 20.52 -4.82
C SER A 143 -18.01 20.04 -6.25
N ILE A 144 -19.15 19.78 -6.89
CA ILE A 144 -19.18 19.31 -8.28
C ILE A 144 -18.92 20.48 -9.24
N LYS A 145 -19.03 21.69 -8.71
CA LYS A 145 -18.77 22.87 -9.49
C LYS A 145 -17.29 23.17 -9.37
N SER A 146 -16.54 22.84 -10.42
CA SER A 146 -15.10 23.01 -10.46
C SER A 146 -14.61 24.41 -10.12
N VAL A 147 -13.46 24.49 -9.47
CA VAL A 147 -12.86 25.78 -9.13
C VAL A 147 -12.14 26.27 -10.40
N ASN A 148 -11.87 25.37 -11.34
CA ASN A 148 -11.20 25.74 -12.57
C ASN A 148 -11.37 24.63 -13.58
N THR A 149 -11.50 25.01 -14.85
CA THR A 149 -11.72 24.05 -15.91
C THR A 149 -10.93 24.41 -17.16
N LYS A 150 -10.88 23.47 -18.09
CA LYS A 150 -10.19 23.63 -19.37
C LYS A 150 -10.94 22.76 -20.34
N SER A 151 -11.43 23.35 -21.42
CA SER A 151 -12.16 22.58 -22.43
C SER A 151 -11.25 21.45 -22.92
N TRP A 152 -11.84 20.33 -23.27
CA TRP A 152 -11.05 19.21 -23.70
C TRP A 152 -11.88 18.44 -24.72
N LYS A 153 -11.22 18.07 -25.83
CA LYS A 153 -11.87 17.33 -26.88
C LYS A 153 -11.65 15.84 -26.65
N LEU A 154 -12.74 15.16 -26.35
CA LEU A 154 -12.71 13.74 -26.12
C LEU A 154 -12.42 12.99 -27.42
N GLN A 155 -11.49 12.05 -27.37
CA GLN A 155 -11.17 11.22 -28.50
C GLN A 155 -11.70 9.83 -28.12
N ASN A 156 -12.90 9.55 -28.59
CA ASN A 156 -13.59 8.30 -28.29
C ASN A 156 -12.73 7.07 -28.51
N GLY A 157 -12.61 6.26 -27.47
CA GLY A 157 -11.87 5.01 -27.55
C GLY A 157 -10.36 5.12 -27.66
N GLU A 158 -9.81 6.30 -27.45
CA GLU A 158 -8.37 6.51 -27.55
C GLU A 158 -7.77 6.59 -26.16
N GLU A 159 -6.56 6.08 -25.99
CA GLU A 159 -5.88 6.12 -24.70
C GLU A 159 -5.37 7.50 -24.36
N ALA A 160 -5.79 7.99 -23.20
CA ALA A 160 -5.39 9.29 -22.71
C ALA A 160 -4.34 9.04 -21.66
N ASN A 161 -3.20 9.73 -21.74
CA ASN A 161 -2.15 9.54 -20.75
C ASN A 161 -2.22 10.75 -19.89
N VAL A 162 -2.37 10.56 -18.58
CA VAL A 162 -2.53 11.68 -17.66
C VAL A 162 -1.49 11.69 -16.55
N VAL A 163 -1.11 12.90 -16.13
CA VAL A 163 -0.17 13.08 -15.02
C VAL A 163 -0.74 14.19 -14.16
N ILE A 164 -0.84 13.93 -12.86
CA ILE A 164 -1.34 14.93 -11.92
C ILE A 164 -0.25 14.98 -10.87
N ALA A 165 0.23 16.18 -10.58
CA ALA A 165 1.29 16.36 -9.62
C ALA A 165 0.89 17.43 -8.68
N PHE A 166 1.31 17.31 -7.42
CA PHE A 166 1.00 18.33 -6.44
C PHE A 166 2.30 18.78 -5.82
N ASN A 167 2.53 20.09 -5.84
CA ASN A 167 3.73 20.63 -5.29
C ASN A 167 3.45 21.16 -3.91
N ALA A 168 4.01 20.50 -2.92
CA ALA A 168 3.81 20.87 -1.54
C ALA A 168 4.33 22.27 -1.24
N ALA A 169 5.39 22.67 -1.92
CA ALA A 169 5.97 23.99 -1.71
C ALA A 169 5.05 25.12 -2.14
N THR A 170 4.41 24.97 -3.29
CA THR A 170 3.54 26.00 -3.83
C THR A 170 2.04 25.73 -3.75
N ASN A 171 1.65 24.53 -3.33
CA ASN A 171 0.25 24.15 -3.25
C ASN A 171 -0.38 24.16 -4.63
N VAL A 172 0.43 23.94 -5.66
CA VAL A 172 -0.04 23.92 -7.03
C VAL A 172 -0.30 22.49 -7.45
N LEU A 173 -1.51 22.27 -7.97
CA LEU A 173 -1.92 20.96 -8.44
C LEU A 173 -1.93 21.13 -9.94
N THR A 174 -1.22 20.27 -10.64
CA THR A 174 -1.13 20.33 -12.09
C THR A 174 -1.66 19.06 -12.73
N VAL A 175 -2.49 19.24 -13.74
CA VAL A 175 -3.09 18.14 -14.45
C VAL A 175 -2.60 18.23 -15.90
N SER A 176 -2.34 17.09 -16.51
CA SER A 176 -1.85 17.09 -17.87
C SER A 176 -2.40 15.86 -18.58
N LEU A 177 -3.13 16.06 -19.68
CA LEU A 177 -3.69 14.97 -20.46
C LEU A 177 -3.12 15.04 -21.88
N THR A 178 -2.65 13.90 -22.40
CA THR A 178 -2.06 13.82 -23.72
C THR A 178 -2.64 12.66 -24.48
N TYR A 179 -2.85 12.85 -25.77
CA TYR A 179 -3.38 11.84 -26.67
C TYR A 179 -2.31 11.55 -27.71
N PRO A 180 -2.31 10.33 -28.26
CA PRO A 180 -1.35 9.91 -29.29
C PRO A 180 -1.51 10.80 -30.52
N ASN A 181 -2.76 10.95 -30.94
CA ASN A 181 -3.11 11.75 -32.09
C ASN A 181 -3.64 13.08 -31.54
N VAL B 1 0.00 14.27 -31.48
CA VAL B 1 0.09 14.39 -30.00
C VAL B 1 -0.64 15.63 -29.50
N THR B 2 -1.89 15.45 -29.08
CA THR B 2 -2.70 16.53 -28.54
C THR B 2 -2.49 16.54 -27.01
N SER B 3 -2.34 17.72 -26.44
CA SER B 3 -2.11 17.84 -25.01
C SER B 3 -2.91 18.97 -24.36
N TYR B 4 -3.34 18.76 -23.12
CA TYR B 4 -4.10 19.75 -22.37
C TYR B 4 -3.50 19.81 -20.99
N THR B 5 -3.37 21.00 -20.44
CA THR B 5 -2.82 21.11 -19.11
C THR B 5 -3.69 22.11 -18.35
N LEU B 6 -3.81 21.93 -17.04
CA LEU B 6 -4.62 22.80 -16.21
C LEU B 6 -3.92 22.80 -14.89
N SER B 7 -4.00 23.90 -14.16
CA SER B 7 -3.35 23.93 -12.88
C SER B 7 -4.04 24.97 -12.03
N ASP B 8 -3.93 24.85 -10.72
CA ASP B 8 -4.55 25.80 -9.82
C ASP B 8 -4.02 25.50 -8.43
N VAL B 9 -4.22 26.41 -7.50
CA VAL B 9 -3.76 26.23 -6.14
C VAL B 9 -4.84 25.53 -5.32
N VAL B 10 -4.44 24.50 -4.58
CA VAL B 10 -5.36 23.73 -3.74
C VAL B 10 -4.68 23.54 -2.38
N SER B 11 -5.23 24.17 -1.35
CA SER B 11 -4.68 24.04 -0.02
C SER B 11 -5.18 22.72 0.59
N LEU B 12 -4.59 21.62 0.12
CA LEU B 12 -4.91 20.26 0.56
C LEU B 12 -5.14 20.14 2.07
N LYS B 13 -4.22 20.72 2.82
CA LYS B 13 -4.23 20.69 4.26
C LYS B 13 -5.57 21.12 4.88
N ASP B 14 -6.27 22.04 4.23
CA ASP B 14 -7.54 22.52 4.79
C ASP B 14 -8.78 21.80 4.26
N VAL B 15 -8.61 20.93 3.27
CA VAL B 15 -9.72 20.24 2.66
C VAL B 15 -9.84 18.77 3.01
N VAL B 16 -8.71 18.07 2.99
CA VAL B 16 -8.67 16.64 3.24
C VAL B 16 -8.05 16.28 4.59
N PRO B 17 -8.38 15.08 5.12
CA PRO B 17 -7.81 14.65 6.41
C PRO B 17 -6.31 14.32 6.25
N GLU B 18 -5.62 14.09 7.36
CA GLU B 18 -4.20 13.75 7.32
C GLU B 18 -3.97 12.48 6.57
N TRP B 19 -4.89 11.53 6.72
CA TRP B 19 -4.78 10.27 6.01
C TRP B 19 -5.91 10.22 4.98
N VAL B 20 -5.63 9.64 3.84
CA VAL B 20 -6.64 9.57 2.80
C VAL B 20 -6.47 8.30 2.03
N ARG B 21 -7.42 8.04 1.14
CA ARG B 21 -7.38 6.92 0.23
C ARG B 21 -7.55 7.61 -1.11
N ILE B 22 -6.90 7.07 -2.13
CA ILE B 22 -6.99 7.68 -3.44
C ILE B 22 -7.60 6.68 -4.40
N GLY B 23 -8.26 7.18 -5.43
CA GLY B 23 -8.86 6.26 -6.38
C GLY B 23 -9.48 6.97 -7.56
N PHE B 24 -10.24 6.21 -8.32
CA PHE B 24 -10.92 6.68 -9.51
C PHE B 24 -12.40 6.45 -9.32
N SER B 25 -13.17 7.27 -10.01
CA SER B 25 -14.61 7.19 -9.99
C SER B 25 -15.09 7.48 -11.41
N ALA B 26 -16.19 6.88 -11.82
CA ALA B 26 -16.75 7.14 -13.13
C ALA B 26 -18.21 6.77 -12.99
N THR B 27 -19.09 7.55 -13.62
CA THR B 27 -20.53 7.33 -13.56
C THR B 27 -21.20 7.54 -14.90
N THR B 28 -22.44 7.08 -15.00
CA THR B 28 -23.26 7.27 -16.17
C THR B 28 -24.61 7.66 -15.56
N GLY B 29 -25.50 8.18 -16.40
CA GLY B 29 -26.82 8.61 -15.94
C GLY B 29 -27.79 8.26 -17.04
N ALA B 30 -28.51 9.25 -17.56
CA ALA B 30 -29.45 9.03 -18.64
C ALA B 30 -28.66 8.69 -19.90
N GLU B 31 -27.44 9.21 -19.96
CA GLU B 31 -26.53 8.95 -21.07
C GLU B 31 -25.34 8.15 -20.50
N TYR B 32 -24.52 7.54 -21.34
CA TYR B 32 -23.45 6.68 -20.82
C TYR B 32 -22.28 6.31 -21.74
N ALA B 33 -21.32 5.60 -21.16
CA ALA B 33 -20.13 5.14 -21.85
C ALA B 33 -19.37 4.23 -20.89
N ALA B 34 -18.43 3.48 -21.46
CA ALA B 34 -17.57 2.61 -20.68
C ALA B 34 -16.36 3.45 -20.26
N HIS B 35 -15.95 3.33 -19.01
CA HIS B 35 -14.80 4.07 -18.51
C HIS B 35 -13.84 3.00 -17.98
N GLU B 36 -12.60 3.00 -18.50
CA GLU B 36 -11.58 2.02 -18.13
C GLU B 36 -10.23 2.66 -17.88
N VAL B 37 -9.42 2.02 -17.04
CA VAL B 37 -8.06 2.48 -16.69
C VAL B 37 -7.14 1.33 -17.12
N LEU B 38 -6.06 1.68 -17.81
CA LEU B 38 -5.11 0.68 -18.31
C LEU B 38 -3.84 0.50 -17.49
N SER B 39 -3.43 1.54 -16.76
CA SER B 39 -2.26 1.46 -15.91
C SER B 39 -2.37 2.59 -14.89
N TRP B 40 -1.60 2.50 -13.81
CA TRP B 40 -1.65 3.49 -12.75
C TRP B 40 -0.41 3.46 -11.89
N SER B 41 0.15 4.62 -11.61
CA SER B 41 1.32 4.67 -10.75
C SER B 41 1.12 5.85 -9.81
N PHE B 42 1.70 5.78 -8.62
CA PHE B 42 1.55 6.85 -7.66
C PHE B 42 2.78 6.92 -6.80
N HIS B 43 3.13 8.13 -6.36
CA HIS B 43 4.26 8.30 -5.48
C HIS B 43 4.03 9.53 -4.63
N SER B 44 4.18 9.41 -3.32
CA SER B 44 4.02 10.55 -2.42
C SER B 44 5.15 10.52 -1.42
N GLU B 45 5.55 11.69 -0.94
CA GLU B 45 6.62 11.80 0.04
C GLU B 45 6.25 12.91 0.98
N LEU B 46 6.22 12.61 2.27
CA LEU B 46 5.89 13.57 3.30
C LEU B 46 7.13 13.65 4.17
N SER B 47 7.67 14.86 4.35
CA SER B 47 8.85 15.05 5.17
C SER B 47 8.48 15.05 6.65
N THR C 1 4.65 -4.99 -15.43
CA THR C 1 5.35 -4.70 -14.14
C THR C 1 4.39 -4.31 -13.04
N GLU C 2 4.81 -4.56 -11.82
CA GLU C 2 4.04 -4.24 -10.65
C GLU C 2 5.01 -4.06 -9.51
N THR C 3 5.01 -2.89 -8.90
CA THR C 3 5.92 -2.64 -7.80
C THR C 3 5.15 -1.99 -6.66
N THR C 4 5.65 -2.14 -5.44
CA THR C 4 5.04 -1.56 -4.26
C THR C 4 6.23 -1.11 -3.42
N SER C 5 6.11 0.05 -2.79
CA SER C 5 7.18 0.54 -1.94
C SER C 5 6.59 1.42 -0.86
N PHE C 6 7.33 1.57 0.21
CA PHE C 6 6.92 2.46 1.27
C PHE C 6 8.11 2.63 2.18
N LEU C 7 8.16 3.75 2.86
CA LEU C 7 9.22 4.02 3.79
C LEU C 7 8.60 4.74 4.97
N ILE C 8 8.86 4.23 6.17
CA ILE C 8 8.39 4.89 7.39
C ILE C 8 9.69 5.04 8.20
N THR C 9 10.22 6.25 8.26
CA THR C 9 11.47 6.42 8.97
C THR C 9 11.24 6.59 10.45
N LYS C 10 10.01 6.92 10.82
CA LYS C 10 9.68 7.13 12.21
C LYS C 10 8.19 6.87 12.31
N PHE C 11 7.77 6.09 13.29
CA PHE C 11 6.37 5.73 13.48
C PHE C 11 5.57 6.76 14.27
N SER C 12 4.29 6.89 13.96
CA SER C 12 3.44 7.82 14.67
C SER C 12 2.34 7.03 15.36
N PRO C 13 1.66 7.64 16.34
CA PRO C 13 0.59 6.95 17.05
C PRO C 13 -0.60 6.72 16.12
N ASP C 14 -0.60 7.48 15.04
CA ASP C 14 -1.66 7.46 14.04
C ASP C 14 -1.12 6.82 12.75
N GLN C 15 -0.65 5.58 12.85
CA GLN C 15 -0.09 4.88 11.69
C GLN C 15 -1.14 4.07 10.94
N GLN C 16 -1.95 4.78 10.16
CA GLN C 16 -3.05 4.16 9.42
C GLN C 16 -2.72 3.23 8.27
N ASN C 17 -1.47 3.14 7.84
CA ASN C 17 -1.14 2.20 6.76
C ASN C 17 -0.64 0.85 7.31
N LEU C 18 -0.82 0.67 8.61
CA LEU C 18 -0.42 -0.57 9.26
C LEU C 18 -1.65 -1.20 9.90
N ILE C 19 -1.72 -2.53 9.85
CA ILE C 19 -2.78 -3.31 10.47
C ILE C 19 -2.11 -3.91 11.70
N PHE C 20 -2.68 -3.70 12.88
CA PHE C 20 -2.13 -4.21 14.13
C PHE C 20 -2.86 -5.45 14.65
N GLN C 21 -2.09 -6.38 15.21
CA GLN C 21 -2.65 -7.60 15.76
C GLN C 21 -2.04 -7.88 17.12
N GLY C 22 -2.80 -8.54 17.99
CA GLY C 22 -2.31 -8.85 19.31
C GLY C 22 -2.06 -7.55 20.02
N ASP C 23 -0.94 -7.44 20.72
CA ASP C 23 -0.61 -6.23 21.48
C ASP C 23 0.20 -5.19 20.71
N GLY C 24 0.30 -5.35 19.40
CA GLY C 24 1.08 -4.39 18.64
C GLY C 24 0.45 -3.01 18.58
N TYR C 25 1.25 -1.97 18.68
CA TYR C 25 0.76 -0.60 18.61
C TYR C 25 1.93 0.33 18.34
N THR C 26 1.64 1.55 17.96
CA THR C 26 2.71 2.51 17.70
C THR C 26 2.57 3.62 18.70
N THR C 27 3.71 4.15 19.09
CA THR C 27 3.77 5.25 20.04
C THR C 27 4.42 6.34 19.20
N LYS C 28 5.03 7.30 19.86
CA LYS C 28 5.72 8.35 19.13
C LYS C 28 7.07 7.73 18.80
N GLU C 29 7.46 7.81 17.54
CA GLU C 29 8.72 7.28 17.08
C GLU C 29 8.86 5.76 16.88
N LYS C 30 8.27 4.94 17.74
CA LYS C 30 8.43 3.48 17.55
C LYS C 30 7.21 2.58 17.47
N LEU C 31 7.42 1.38 16.94
CA LEU C 31 6.38 0.37 16.81
C LEU C 31 6.68 -0.67 17.89
N THR C 32 5.77 -0.85 18.82
CA THR C 32 5.94 -1.81 19.90
C THR C 32 5.23 -3.10 19.55
N LEU C 33 5.98 -4.20 19.49
CA LEU C 33 5.38 -5.50 19.20
C LEU C 33 4.98 -6.16 20.52
N THR C 34 5.84 -6.08 21.53
CA THR C 34 5.53 -6.64 22.83
C THR C 34 6.25 -5.80 23.86
N LYS C 35 5.68 -5.76 25.05
CA LYS C 35 6.29 -5.11 26.20
C LYS C 35 7.05 -6.25 26.91
N ALA C 36 7.82 -5.95 27.94
CA ALA C 36 8.57 -7.00 28.65
C ALA C 36 7.64 -7.70 29.62
N VAL C 37 6.69 -8.46 29.08
CA VAL C 37 5.71 -9.16 29.88
C VAL C 37 5.59 -10.56 29.34
N LYS C 38 5.31 -11.51 30.22
CA LYS C 38 5.20 -12.88 29.77
C LYS C 38 3.94 -13.15 28.97
N ASN C 39 4.07 -14.17 28.12
CA ASN C 39 3.01 -14.65 27.25
C ASN C 39 2.16 -13.65 26.42
N THR C 40 2.83 -12.86 25.57
CA THR C 40 2.14 -11.91 24.70
C THR C 40 2.63 -12.14 23.28
N VAL C 41 1.92 -11.53 22.33
CA VAL C 41 2.27 -11.61 20.92
C VAL C 41 1.78 -10.31 20.32
N GLY C 42 2.59 -9.78 19.42
CA GLY C 42 2.23 -8.55 18.75
C GLY C 42 2.66 -8.67 17.31
N ARG C 43 1.81 -8.20 16.42
CA ARG C 43 2.11 -8.21 14.99
C ARG C 43 1.66 -6.87 14.40
N ALA C 44 2.28 -6.50 13.28
CA ALA C 44 1.97 -5.26 12.56
C ALA C 44 2.21 -5.65 11.12
N LEU C 45 1.24 -5.39 10.26
CA LEU C 45 1.30 -5.71 8.83
C LEU C 45 1.09 -4.45 8.01
N TYR C 46 1.75 -4.37 6.86
CA TYR C 46 1.56 -3.24 5.97
C TYR C 46 0.10 -3.46 5.45
N SER C 47 -0.71 -2.41 5.41
CA SER C 47 -2.11 -2.56 5.03
C SER C 47 -2.41 -3.06 3.62
N SER C 48 -1.47 -2.89 2.71
CA SER C 48 -1.75 -3.33 1.37
C SER C 48 -1.13 -4.65 0.97
N PRO C 49 -1.95 -5.52 0.37
CA PRO C 49 -1.47 -6.83 -0.09
C PRO C 49 -0.40 -6.53 -1.15
N ILE C 50 0.61 -7.38 -1.24
CA ILE C 50 1.70 -7.19 -2.21
C ILE C 50 1.64 -8.34 -3.19
N HIS C 51 1.92 -8.05 -4.47
CA HIS C 51 1.91 -9.11 -5.47
C HIS C 51 3.31 -9.69 -5.58
N ILE C 52 3.51 -10.83 -4.92
CA ILE C 52 4.82 -11.44 -4.88
C ILE C 52 5.22 -12.30 -6.09
N TRP C 53 4.26 -12.95 -6.73
CA TRP C 53 4.58 -13.72 -7.92
C TRP C 53 3.32 -13.86 -8.75
N ASP C 54 3.47 -14.14 -10.03
CA ASP C 54 2.32 -14.24 -10.89
C ASP C 54 2.22 -15.58 -11.59
N ARG C 55 1.10 -16.26 -11.39
CA ARG C 55 0.86 -17.56 -12.00
C ARG C 55 0.92 -17.48 -13.53
N GLU C 56 0.29 -16.46 -14.08
CA GLU C 56 0.21 -16.25 -15.51
C GLU C 56 1.56 -16.38 -16.17
N THR C 57 2.50 -15.56 -15.74
CA THR C 57 3.85 -15.56 -16.30
C THR C 57 4.79 -16.53 -15.58
N GLY C 58 4.45 -16.81 -14.33
CA GLY C 58 5.28 -17.64 -13.50
C GLY C 58 6.44 -16.82 -12.92
N ASN C 59 6.36 -15.49 -13.05
CA ASN C 59 7.40 -14.60 -12.54
C ASN C 59 7.30 -14.40 -11.05
N VAL C 60 8.45 -14.14 -10.42
CA VAL C 60 8.53 -13.92 -8.98
C VAL C 60 9.20 -12.58 -8.78
N ALA C 61 8.76 -11.85 -7.77
CA ALA C 61 9.29 -10.52 -7.49
C ALA C 61 10.63 -10.48 -6.77
N ASN C 62 11.38 -9.41 -7.04
CA ASN C 62 12.63 -9.19 -6.35
C ASN C 62 12.15 -8.17 -5.34
N PHE C 63 12.51 -8.37 -4.07
CA PHE C 63 12.12 -7.40 -3.06
C PHE C 63 13.28 -7.15 -2.11
N VAL C 64 13.20 -6.04 -1.38
CA VAL C 64 14.20 -5.69 -0.41
C VAL C 64 13.43 -4.97 0.68
N THR C 65 13.86 -5.20 1.90
CA THR C 65 13.26 -4.54 3.03
C THR C 65 14.37 -4.28 4.01
N SER C 66 14.24 -3.18 4.74
CA SER C 66 15.22 -2.84 5.74
C SER C 66 14.45 -2.35 6.95
N PHE C 67 14.99 -2.62 8.13
CA PHE C 67 14.37 -2.17 9.35
C PHE C 67 15.39 -2.15 10.48
N THR C 68 15.11 -1.34 11.48
CA THR C 68 15.95 -1.23 12.65
C THR C 68 15.06 -1.69 13.78
N PHE C 69 15.58 -2.61 14.59
CA PHE C 69 14.82 -3.12 15.72
C PHE C 69 15.71 -3.14 16.95
N VAL C 70 15.07 -3.18 18.11
CA VAL C 70 15.73 -3.18 19.40
C VAL C 70 15.01 -4.19 20.26
N ILE C 71 15.79 -4.97 21.01
CA ILE C 71 15.24 -5.94 21.94
C ILE C 71 15.75 -5.47 23.28
N ASN C 72 14.83 -5.27 24.20
CA ASN C 72 15.15 -4.80 25.55
C ASN C 72 14.69 -5.82 26.55
N ALA C 73 15.64 -6.54 27.12
CA ALA C 73 15.32 -7.57 28.09
C ALA C 73 15.81 -7.15 29.46
N PRO C 74 14.89 -7.03 30.44
CA PRO C 74 15.25 -6.63 31.80
C PRO C 74 16.22 -7.63 32.49
N ASN C 75 16.11 -8.91 32.12
CA ASN C 75 17.03 -9.91 32.65
C ASN C 75 17.83 -10.43 31.47
N SER C 76 19.08 -9.98 31.33
CA SER C 76 19.91 -10.38 30.19
C SER C 76 20.16 -11.86 30.03
N TYR C 77 19.84 -12.66 31.05
CA TYR C 77 20.06 -14.08 30.94
C TYR C 77 18.80 -14.85 30.59
N ASN C 78 17.66 -14.24 30.86
CA ASN C 78 16.37 -14.85 30.56
C ASN C 78 15.69 -14.02 29.46
N VAL C 79 16.02 -14.32 28.21
CA VAL C 79 15.47 -13.55 27.10
C VAL C 79 14.67 -14.46 26.18
N ALA C 80 13.46 -14.03 25.81
CA ALA C 80 12.62 -14.81 24.90
C ALA C 80 11.50 -13.89 24.39
N ASP C 81 10.89 -14.21 23.25
CA ASP C 81 11.24 -15.38 22.46
C ASP C 81 11.92 -15.01 21.16
N GLY C 82 11.63 -13.82 20.68
CA GLY C 82 12.23 -13.43 19.42
C GLY C 82 11.33 -12.53 18.62
N PHE C 83 11.79 -12.28 17.41
CA PHE C 83 11.13 -11.35 16.50
C PHE C 83 11.29 -11.89 15.08
N THR C 84 10.33 -11.61 14.22
CA THR C 84 10.42 -12.06 12.83
C THR C 84 9.83 -11.06 11.84
N PHE C 85 10.30 -11.18 10.60
CA PHE C 85 9.77 -10.41 9.49
C PHE C 85 9.17 -11.59 8.73
N PHE C 86 7.91 -11.51 8.36
CA PHE C 86 7.31 -12.63 7.64
C PHE C 86 6.53 -12.18 6.40
N ILE C 87 6.26 -13.14 5.54
CA ILE C 87 5.49 -12.98 4.31
C ILE C 87 4.45 -14.11 4.49
N ALA C 88 3.17 -13.74 4.52
CA ALA C 88 2.11 -14.71 4.74
C ALA C 88 0.88 -14.41 3.88
N PRO C 89 -0.15 -15.27 3.92
CA PRO C 89 -1.33 -14.98 3.09
C PRO C 89 -2.02 -13.69 3.56
N VAL C 90 -2.74 -13.04 2.66
CA VAL C 90 -3.46 -11.80 2.93
C VAL C 90 -4.31 -11.76 4.22
N ASP C 91 -5.02 -12.84 4.52
CA ASP C 91 -5.86 -12.88 5.71
C ASP C 91 -5.15 -13.48 6.93
N THR C 92 -3.82 -13.39 6.92
CA THR C 92 -2.99 -13.91 8.00
C THR C 92 -3.35 -13.37 9.38
N LYS C 93 -3.47 -14.28 10.34
CA LYS C 93 -3.79 -13.91 11.72
C LYS C 93 -2.72 -14.55 12.60
N PRO C 94 -2.53 -14.04 13.81
CA PRO C 94 -1.52 -14.60 14.73
C PRO C 94 -1.70 -16.09 14.91
N GLN C 95 -0.58 -16.81 14.96
CA GLN C 95 -0.57 -18.26 15.13
C GLN C 95 -0.16 -18.58 16.58
N THR C 96 0.58 -19.66 16.81
CA THR C 96 0.96 -19.99 18.18
C THR C 96 2.04 -19.06 18.72
N GLY C 97 1.85 -18.60 19.95
CA GLY C 97 2.80 -17.71 20.58
C GLY C 97 4.05 -18.39 21.13
N GLY C 98 4.68 -17.73 22.10
CA GLY C 98 5.90 -18.27 22.69
C GLY C 98 6.98 -18.61 21.66
N GLY C 99 7.49 -19.83 21.74
CA GLY C 99 8.55 -20.28 20.85
C GLY C 99 8.17 -20.37 19.40
N TYR C 100 6.88 -20.25 19.12
CA TYR C 100 6.37 -20.32 17.75
C TYR C 100 6.37 -18.96 17.06
N LEU C 101 6.70 -17.93 17.84
CA LEU C 101 6.84 -16.57 17.35
C LEU C 101 5.59 -15.93 16.75
N GLY C 102 4.44 -16.58 16.90
CA GLY C 102 3.19 -16.05 16.39
C GLY C 102 2.97 -16.26 14.91
N VAL C 103 3.85 -17.04 14.27
CA VAL C 103 3.72 -17.27 12.84
C VAL C 103 3.60 -18.74 12.43
N PHE C 104 3.95 -19.64 13.33
CA PHE C 104 3.89 -21.06 13.01
C PHE C 104 3.22 -21.80 14.14
N ASN C 105 2.87 -23.06 13.89
CA ASN C 105 2.21 -23.89 14.91
C ASN C 105 2.90 -25.24 15.14
N SER C 106 3.99 -25.51 14.45
CA SER C 106 4.69 -26.76 14.65
C SER C 106 6.06 -26.68 14.07
N ALA C 107 6.89 -27.70 14.38
CA ALA C 107 8.25 -27.79 13.88
C ALA C 107 8.26 -28.74 12.69
N GLU C 108 7.08 -29.22 12.34
CA GLU C 108 6.92 -30.11 11.20
C GLU C 108 6.39 -29.22 10.08
N TYR C 109 6.90 -29.44 8.87
CA TYR C 109 6.53 -28.67 7.69
C TYR C 109 5.02 -28.70 7.44
N ASP C 110 4.44 -27.51 7.31
CA ASP C 110 3.03 -27.37 7.07
C ASP C 110 2.81 -26.52 5.82
N LYS C 111 2.55 -27.18 4.71
CA LYS C 111 2.31 -26.51 3.44
C LYS C 111 1.22 -25.44 3.54
N THR C 112 0.19 -25.70 4.34
CA THR C 112 -0.92 -24.76 4.47
C THR C 112 -0.65 -23.47 5.22
N THR C 113 0.44 -23.39 5.97
CA THR C 113 0.71 -22.15 6.68
C THR C 113 1.06 -21.08 5.65
N GLN C 114 1.73 -21.49 4.58
CA GLN C 114 2.14 -20.60 3.49
C GLN C 114 2.83 -19.36 4.01
N THR C 115 3.81 -19.56 4.88
CA THR C 115 4.56 -18.49 5.51
C THR C 115 6.07 -18.71 5.50
N VAL C 116 6.78 -17.71 5.00
CA VAL C 116 8.23 -17.71 5.00
C VAL C 116 8.53 -16.62 6.02
N ALA C 117 9.42 -16.87 6.96
CA ALA C 117 9.75 -15.86 7.97
C ALA C 117 11.25 -15.84 8.23
N VAL C 118 11.76 -14.69 8.61
CA VAL C 118 13.16 -14.58 8.95
C VAL C 118 13.06 -14.32 10.45
N GLU C 119 13.73 -15.16 11.24
CA GLU C 119 13.67 -15.06 12.70
C GLU C 119 14.95 -14.57 13.37
N PHE C 120 14.76 -13.85 14.47
CA PHE C 120 15.81 -13.32 15.32
C PHE C 120 15.38 -13.95 16.63
N ASP C 121 15.74 -15.21 16.73
CA ASP C 121 15.40 -16.09 17.83
C ASP C 121 16.34 -15.94 19.05
N THR C 122 15.78 -15.51 20.16
CA THR C 122 16.56 -15.29 21.37
C THR C 122 16.48 -16.40 22.44
N PHE C 123 15.57 -17.36 22.27
CA PHE C 123 15.37 -18.43 23.24
C PHE C 123 15.53 -19.80 22.63
N TYR C 124 16.36 -20.62 23.28
CA TYR C 124 16.62 -21.98 22.84
C TYR C 124 15.47 -22.97 23.15
N ASN C 125 14.81 -23.45 22.10
CA ASN C 125 13.71 -24.40 22.25
C ASN C 125 14.30 -25.71 21.82
N ALA C 126 14.68 -26.51 22.81
CA ALA C 126 15.34 -27.81 22.61
C ALA C 126 14.77 -28.68 21.52
N ALA C 127 13.46 -28.68 21.37
CA ALA C 127 12.81 -29.50 20.36
C ALA C 127 13.12 -29.17 18.93
N TRP C 128 13.58 -27.96 18.64
CA TRP C 128 13.90 -27.57 17.26
C TRP C 128 15.08 -26.61 17.05
N ASP C 129 15.46 -25.86 18.08
CA ASP C 129 16.55 -24.91 17.91
C ASP C 129 17.93 -25.54 17.81
N PRO C 130 18.88 -24.86 17.13
CA PRO C 130 20.25 -25.35 16.96
C PRO C 130 20.84 -25.83 18.28
N SER C 131 21.54 -26.96 18.23
CA SER C 131 22.11 -27.56 19.40
C SER C 131 23.18 -26.77 20.11
N ASN C 132 23.81 -25.81 19.42
CA ASN C 132 24.83 -25.00 20.10
C ASN C 132 24.18 -24.10 21.14
N ARG C 133 22.84 -24.09 21.13
CA ARG C 133 22.01 -23.30 22.05
C ARG C 133 22.20 -21.79 21.92
N ASP C 134 22.87 -21.36 20.85
CA ASP C 134 23.13 -19.95 20.60
C ASP C 134 21.87 -19.23 20.11
N ARG C 135 21.77 -17.93 20.42
CA ARG C 135 20.67 -17.14 19.89
C ARG C 135 21.04 -17.10 18.40
N HIS C 136 20.09 -16.92 17.51
CA HIS C 136 20.43 -16.99 16.09
C HIS C 136 19.43 -16.37 15.15
N ILE C 137 19.88 -16.19 13.92
CA ILE C 137 19.08 -15.66 12.82
C ILE C 137 18.73 -16.94 12.07
N GLY C 138 17.49 -17.07 11.63
CA GLY C 138 17.09 -18.25 10.89
C GLY C 138 16.10 -17.98 9.79
N ILE C 139 16.10 -18.85 8.79
CA ILE C 139 15.20 -18.74 7.65
C ILE C 139 14.17 -19.84 7.81
N ASP C 140 12.93 -19.46 8.12
CA ASP C 140 11.83 -20.39 8.34
C ASP C 140 10.91 -20.53 7.13
N VAL C 141 10.59 -21.76 6.78
CA VAL C 141 9.71 -22.01 5.65
C VAL C 141 8.67 -23.02 6.10
N ASN C 142 7.47 -22.52 6.42
CA ASN C 142 6.37 -23.38 6.84
C ASN C 142 6.68 -24.24 8.05
N SER C 143 7.60 -23.78 8.89
CA SER C 143 7.97 -24.53 10.09
C SER C 143 8.79 -23.63 10.98
N ILE C 144 8.71 -23.84 12.29
CA ILE C 144 9.47 -23.06 13.25
C ILE C 144 10.90 -23.61 13.29
N LYS C 145 11.12 -24.75 12.65
CA LYS C 145 12.45 -25.35 12.59
C LYS C 145 13.13 -24.79 11.34
N SER C 146 14.03 -23.83 11.54
CA SER C 146 14.71 -23.17 10.44
C SER C 146 15.38 -24.07 9.43
N VAL C 147 15.35 -23.66 8.16
CA VAL C 147 16.00 -24.38 7.11
C VAL C 147 17.50 -24.11 7.18
N ASN C 148 17.87 -22.96 7.73
CA ASN C 148 19.27 -22.59 7.86
C ASN C 148 19.32 -21.54 8.97
N THR C 149 20.41 -21.53 9.73
CA THR C 149 20.59 -20.59 10.85
C THR C 149 22.02 -20.06 10.97
N LYS C 150 22.19 -18.94 11.66
CA LYS C 150 23.50 -18.34 11.87
C LYS C 150 23.47 -17.84 13.31
N SER C 151 24.46 -18.24 14.11
CA SER C 151 24.50 -17.80 15.49
C SER C 151 24.64 -16.30 15.46
N TRP C 152 24.06 -15.65 16.45
CA TRP C 152 24.08 -14.21 16.51
C TRP C 152 24.18 -13.83 17.97
N LYS C 153 25.06 -12.88 18.28
CA LYS C 153 25.15 -12.44 19.66
C LYS C 153 24.34 -11.19 19.83
N LEU C 154 23.24 -11.34 20.55
CA LEU C 154 22.33 -10.25 20.86
C LEU C 154 23.04 -9.16 21.65
N GLN C 155 22.85 -7.90 21.25
CA GLN C 155 23.41 -6.77 21.99
C GLN C 155 22.18 -6.10 22.54
N ASN C 156 21.84 -6.52 23.75
CA ASN C 156 20.68 -6.06 24.46
C ASN C 156 20.51 -4.56 24.47
N GLY C 157 19.34 -4.12 24.01
CA GLY C 157 19.01 -2.71 23.97
C GLY C 157 19.63 -1.92 22.85
N GLU C 158 20.47 -2.55 22.04
CA GLU C 158 21.16 -1.90 20.93
C GLU C 158 20.33 -1.97 19.65
N GLU C 159 20.49 -0.97 18.78
CA GLU C 159 19.77 -0.95 17.53
C GLU C 159 20.45 -1.83 16.52
N ALA C 160 19.67 -2.70 15.91
CA ALA C 160 20.18 -3.59 14.88
C ALA C 160 19.56 -3.16 13.55
N ASN C 161 20.39 -2.99 12.53
CA ASN C 161 19.89 -2.62 11.22
C ASN C 161 19.90 -3.90 10.42
N VAL C 162 18.75 -4.23 9.88
CA VAL C 162 18.57 -5.44 9.10
C VAL C 162 18.20 -5.09 7.66
N VAL C 163 18.64 -5.93 6.73
CA VAL C 163 18.35 -5.77 5.32
C VAL C 163 18.08 -7.20 4.87
N ILE C 164 16.89 -7.45 4.32
CA ILE C 164 16.54 -8.78 3.82
C ILE C 164 16.25 -8.52 2.34
N ALA C 165 16.89 -9.28 1.47
CA ALA C 165 16.69 -9.08 0.05
C ALA C 165 16.44 -10.42 -0.59
N PHE C 166 15.71 -10.42 -1.69
CA PHE C 166 15.41 -11.66 -2.39
C PHE C 166 15.66 -11.50 -3.87
N ASN C 167 16.53 -12.33 -4.42
CA ASN C 167 16.83 -12.25 -5.83
C ASN C 167 16.00 -13.31 -6.49
N ALA C 168 14.99 -12.88 -7.23
CA ALA C 168 14.08 -13.80 -7.89
C ALA C 168 14.73 -14.65 -8.97
N ALA C 169 15.86 -14.20 -9.50
CA ALA C 169 16.58 -14.93 -10.54
C ALA C 169 17.34 -16.12 -9.96
N THR C 170 17.76 -15.98 -8.71
CA THR C 170 18.49 -17.02 -8.00
C THR C 170 17.68 -17.74 -6.92
N ASN C 171 16.55 -17.17 -6.53
CA ASN C 171 15.71 -17.72 -5.46
C ASN C 171 16.46 -17.64 -4.15
N VAL C 172 17.47 -16.78 -4.11
CA VAL C 172 18.28 -16.62 -2.92
C VAL C 172 17.79 -15.46 -2.04
N LEU C 173 17.62 -15.77 -0.77
CA LEU C 173 17.18 -14.83 0.24
C LEU C 173 18.37 -14.58 1.13
N THR C 174 18.77 -13.32 1.25
CA THR C 174 19.91 -12.97 2.07
C THR C 174 19.48 -12.06 3.21
N VAL C 175 20.04 -12.33 4.39
CA VAL C 175 19.76 -11.57 5.59
C VAL C 175 21.07 -11.05 6.12
N SER C 176 21.10 -9.79 6.54
CA SER C 176 22.29 -9.22 7.13
C SER C 176 21.84 -8.38 8.28
N LEU C 177 22.51 -8.53 9.42
CA LEU C 177 22.18 -7.78 10.61
C LEU C 177 23.46 -7.07 10.94
N THR C 178 23.36 -5.81 11.33
CA THR C 178 24.54 -5.04 11.65
C THR C 178 24.33 -4.22 12.89
N TYR C 179 25.28 -4.33 13.80
CA TYR C 179 25.24 -3.55 15.04
C TYR C 179 26.27 -2.45 14.87
N PRO C 180 26.00 -1.27 15.46
CA PRO C 180 26.91 -0.12 15.39
C PRO C 180 28.29 -0.54 15.91
N ASN C 181 28.29 -1.19 17.08
CA ASN C 181 29.52 -1.64 17.72
C ASN C 181 29.88 -3.04 17.26
N VAL D 1 31.60 -1.87 14.41
CA VAL D 1 30.56 -2.49 13.55
C VAL D 1 30.71 -3.99 13.59
N THR D 2 29.60 -4.68 13.83
CA THR D 2 29.59 -6.12 13.90
C THR D 2 28.48 -6.56 12.97
N SER D 3 28.80 -7.43 12.02
CA SER D 3 27.80 -7.87 11.09
C SER D 3 27.62 -9.38 11.03
N TYR D 4 26.41 -9.80 10.69
CA TYR D 4 26.03 -11.20 10.55
C TYR D 4 25.26 -11.26 9.27
N THR D 5 25.42 -12.34 8.54
CA THR D 5 24.70 -12.50 7.30
C THR D 5 24.38 -13.97 7.11
N LEU D 6 23.29 -14.25 6.40
CA LEU D 6 22.84 -15.60 6.18
C LEU D 6 22.17 -15.60 4.81
N SER D 7 22.33 -16.68 4.06
CA SER D 7 21.74 -16.78 2.73
C SER D 7 21.23 -18.19 2.53
N ASP D 8 20.22 -18.34 1.70
CA ASP D 8 19.69 -19.66 1.39
C ASP D 8 18.64 -19.54 0.29
N VAL D 9 18.50 -20.60 -0.49
CA VAL D 9 17.54 -20.58 -1.57
C VAL D 9 16.19 -20.95 -1.03
N VAL D 10 15.20 -20.13 -1.35
CA VAL D 10 13.84 -20.37 -0.93
C VAL D 10 13.01 -20.17 -2.19
N SER D 11 12.25 -21.20 -2.57
CA SER D 11 11.42 -21.08 -3.75
C SER D 11 10.09 -20.48 -3.31
N LEU D 12 10.04 -19.16 -3.27
CA LEU D 12 8.84 -18.41 -2.86
C LEU D 12 7.57 -18.85 -3.56
N LYS D 13 7.68 -18.97 -4.88
CA LYS D 13 6.58 -19.38 -5.74
C LYS D 13 5.90 -20.66 -5.26
N ASP D 14 6.66 -21.52 -4.59
CA ASP D 14 6.12 -22.78 -4.11
C ASP D 14 5.53 -22.79 -2.71
N VAL D 15 5.85 -21.76 -1.93
CA VAL D 15 5.41 -21.66 -0.53
C VAL D 15 4.24 -20.75 -0.23
N VAL D 16 4.32 -19.50 -0.72
CA VAL D 16 3.31 -18.47 -0.48
C VAL D 16 2.38 -18.21 -1.66
N PRO D 17 1.19 -17.63 -1.39
CA PRO D 17 0.24 -17.33 -2.48
C PRO D 17 0.83 -16.22 -3.36
N GLU D 18 0.17 -15.86 -4.45
CA GLU D 18 0.66 -14.78 -5.30
C GLU D 18 0.52 -13.45 -4.59
N TRP D 19 -0.54 -13.31 -3.80
CA TRP D 19 -0.78 -12.09 -3.02
C TRP D 19 -0.53 -12.40 -1.56
N VAL D 20 0.23 -11.51 -0.92
CA VAL D 20 0.61 -11.70 0.46
C VAL D 20 0.56 -10.40 1.23
N ARG D 21 0.74 -10.53 2.54
CA ARG D 21 0.86 -9.41 3.45
C ARG D 21 2.21 -9.62 4.13
N ILE D 22 2.97 -8.54 4.29
CA ILE D 22 4.26 -8.61 4.94
C ILE D 22 4.13 -7.97 6.31
N GLY D 23 4.96 -8.40 7.24
CA GLY D 23 4.86 -7.82 8.56
C GLY D 23 5.86 -8.33 9.54
N PHE D 24 5.70 -7.90 10.77
CA PHE D 24 6.56 -8.27 11.85
C PHE D 24 5.74 -9.01 12.89
N SER D 25 6.44 -9.87 13.64
CA SER D 25 5.84 -10.65 14.71
C SER D 25 6.87 -10.77 15.84
N ALA D 26 6.41 -10.71 17.08
CA ALA D 26 7.31 -10.86 18.21
C ALA D 26 6.48 -11.45 19.35
N THR D 27 7.08 -12.36 20.12
CA THR D 27 6.38 -12.98 21.21
C THR D 27 7.23 -13.13 22.46
N THR D 28 6.55 -13.42 23.57
CA THR D 28 7.18 -13.70 24.86
C THR D 28 6.44 -14.97 25.32
N GLY D 29 7.04 -15.71 26.24
CA GLY D 29 6.39 -16.91 26.75
C GLY D 29 6.59 -16.86 28.24
N ALA D 30 7.28 -17.86 28.78
CA ALA D 30 7.55 -17.87 30.22
C ALA D 30 8.64 -16.83 30.49
N GLU D 31 9.45 -16.55 29.48
CA GLU D 31 10.50 -15.54 29.58
C GLU D 31 10.14 -14.40 28.60
N TYR D 32 10.69 -13.22 28.82
CA TYR D 32 10.33 -12.07 27.99
C TYR D 32 11.38 -10.98 27.79
N ALA D 33 11.01 -10.06 26.91
CA ALA D 33 11.79 -8.88 26.52
C ALA D 33 10.85 -8.01 25.69
N ALA D 34 11.15 -6.74 25.59
CA ALA D 34 10.35 -5.84 24.77
C ALA D 34 10.90 -5.93 23.35
N HIS D 35 10.01 -5.92 22.37
CA HIS D 35 10.42 -5.99 20.97
C HIS D 35 9.84 -4.78 20.25
N GLU D 36 10.69 -3.94 19.69
CA GLU D 36 10.24 -2.76 18.98
C GLU D 36 10.99 -2.49 17.68
N VAL D 37 10.30 -1.87 16.73
CA VAL D 37 10.84 -1.54 15.43
C VAL D 37 10.90 -0.01 15.34
N LEU D 38 12.00 0.49 14.81
CA LEU D 38 12.23 1.93 14.71
C LEU D 38 11.92 2.53 13.33
N SER D 39 12.12 1.75 12.28
CA SER D 39 11.89 2.24 10.95
C SER D 39 11.69 1.03 10.09
N TRP D 40 11.16 1.24 8.88
CA TRP D 40 10.87 0.14 8.00
C TRP D 40 10.77 0.61 6.56
N SER D 41 11.44 -0.06 5.64
CA SER D 41 11.34 0.28 4.24
C SER D 41 11.13 -1.02 3.48
N PHE D 42 10.38 -0.97 2.39
CA PHE D 42 10.14 -2.16 1.61
C PHE D 42 10.00 -1.79 0.15
N HIS D 43 10.45 -2.65 -0.73
CA HIS D 43 10.30 -2.39 -2.15
C HIS D 43 10.30 -3.71 -2.85
N SER D 44 9.31 -3.93 -3.70
CA SER D 44 9.22 -5.16 -4.46
C SER D 44 9.02 -4.77 -5.90
N GLU D 45 9.44 -5.66 -6.79
CA GLU D 45 9.35 -5.45 -8.23
C GLU D 45 9.06 -6.77 -8.92
N LEU D 46 7.90 -6.86 -9.54
CA LEU D 46 7.51 -8.05 -10.25
C LEU D 46 7.43 -7.60 -11.70
N SER D 47 7.99 -8.40 -12.61
CA SER D 47 7.97 -8.06 -14.03
C SER D 47 6.94 -8.86 -14.83
#